data_2Y7B
#
_entry.id   2Y7B
#
_cell.length_a   34.300
_cell.length_b   59.417
_cell.length_c   64.717
_cell.angle_alpha   90.00
_cell.angle_beta   90.00
_cell.angle_gamma   90.00
#
_symmetry.space_group_name_H-M   'P 21 21 21'
#
loop_
_entity.id
_entity.type
_entity.pdbx_description
1 polymer 'ACTIN-BINDING PROTEIN ANILLIN'
2 non-polymer 1,2-ETHANEDIOL
3 water water
#
_entity_poly.entity_id   1
_entity_poly.type   'polypeptide(L)'
_entity_poly.pdbx_seq_one_letter_code
;VNSSVEERGFLTIFEDVSGFGAWHRRWCVLSGNCISYWTYPDDEKRKNPIGRINLANCTSRQIEPANREFCARRNTFELI
TVRPQREDDRETLVSQCRDTLCVTKNWLSADTKEERDLWMQKLNQVLVDIRLWQ
;
_entity_poly.pdbx_strand_id   A
#
loop_
_chem_comp.id
_chem_comp.type
_chem_comp.name
_chem_comp.formula
EDO non-polymer 1,2-ETHANEDIOL 'C2 H6 O2'
#
# COMPACT_ATOMS: atom_id res chain seq x y z
N VAL A 1 16.83 18.74 -4.74
CA VAL A 1 18.18 18.44 -5.34
C VAL A 1 18.43 16.93 -5.39
N ASN A 2 17.69 16.15 -4.63
CA ASN A 2 17.81 14.68 -4.66
C ASN A 2 16.58 14.04 -5.28
N SER A 3 16.77 12.82 -5.79
CA SER A 3 15.74 12.13 -6.54
C SER A 3 14.58 11.74 -5.62
N SER A 4 13.38 11.67 -6.19
CA SER A 4 12.20 11.13 -5.51
C SER A 4 12.46 9.64 -5.20
N VAL A 5 12.05 9.20 -4.01
CA VAL A 5 12.30 7.82 -3.55
C VAL A 5 11.56 6.80 -4.44
N GLU A 6 12.27 5.73 -4.81
CA GLU A 6 11.66 4.63 -5.53
C GLU A 6 12.04 3.31 -4.89
N GLU A 7 11.19 2.33 -5.13
CA GLU A 7 11.41 0.95 -4.69
C GLU A 7 10.63 0.00 -5.59
N ARG A 8 11.22 -1.16 -5.86
CA ARG A 8 10.61 -2.21 -6.63
C ARG A 8 10.93 -3.58 -6.00
N GLY A 9 9.92 -4.42 -5.98
CA GLY A 9 10.03 -5.76 -5.44
C GLY A 9 8.68 -6.42 -5.48
N PHE A 10 8.67 -7.73 -5.23
CA PHE A 10 7.41 -8.48 -5.12
C PHE A 10 6.91 -8.26 -3.70
N LEU A 11 5.62 -8.14 -3.55
CA LEU A 11 4.99 -8.16 -2.22
C LEU A 11 3.71 -8.91 -2.38
N THR A 12 3.26 -9.56 -1.31
CA THR A 12 1.98 -10.32 -1.37
C THR A 12 0.94 -9.49 -0.62
N ILE A 13 -0.14 -9.18 -1.35
CA ILE A 13 -1.17 -8.21 -0.90
C ILE A 13 -2.48 -8.91 -0.59
N PHE A 14 -3.07 -8.53 0.56
CA PHE A 14 -4.42 -9.00 0.92
C PHE A 14 -5.44 -8.26 0.10
N GLU A 15 -6.24 -9.00 -0.64
CA GLU A 15 -7.19 -8.42 -1.57
C GLU A 15 -8.55 -9.05 -1.37
N ASP A 16 -9.62 -8.25 -1.45
CA ASP A 16 -10.97 -8.75 -1.43
C ASP A 16 -11.26 -9.42 -2.77
N VAL A 17 -11.50 -10.74 -2.76
CA VAL A 17 -11.82 -11.43 -4.00
C VAL A 17 -13.36 -11.62 -4.16
N SER A 18 -14.04 -10.50 -4.40
CA SER A 18 -15.50 -10.42 -4.57
C SER A 18 -16.27 -11.37 -3.64
N GLY A 19 -15.94 -11.32 -2.35
CA GLY A 19 -16.51 -12.25 -1.37
C GLY A 19 -15.48 -12.61 -0.31
N PHE A 20 -14.49 -13.39 -0.73
CA PHE A 20 -13.46 -13.90 0.17
C PHE A 20 -12.22 -13.02 0.11
N GLY A 21 -11.43 -13.11 1.16
CA GLY A 21 -10.15 -12.44 1.21
C GLY A 21 -9.07 -13.43 0.82
N ALA A 22 -7.99 -12.94 0.22
CA ALA A 22 -6.93 -13.85 -0.23
C ALA A 22 -5.68 -13.05 -0.48
N TRP A 23 -4.53 -13.71 -0.32
CA TRP A 23 -3.27 -13.04 -0.50
C TRP A 23 -2.78 -13.31 -1.94
N HIS A 24 -2.35 -12.24 -2.63
CA HIS A 24 -1.92 -12.37 -4.02
C HIS A 24 -0.53 -11.83 -4.18
N ARG A 25 0.32 -12.60 -4.84
CA ARG A 25 1.68 -12.16 -5.02
C ARG A 25 1.66 -11.11 -6.12
N ARG A 26 2.28 -9.95 -5.86
CA ARG A 26 2.28 -8.85 -6.85
C ARG A 26 3.66 -8.23 -7.01
N TRP A 27 3.89 -7.66 -8.20
CA TRP A 27 5.06 -6.82 -8.51
C TRP A 27 4.72 -5.40 -8.13
N CYS A 28 5.48 -4.86 -7.18
CA CYS A 28 5.16 -3.55 -6.60
C CYS A 28 6.22 -2.49 -6.89
N VAL A 29 5.74 -1.31 -7.27
CA VAL A 29 6.58 -0.18 -7.58
C VAL A 29 6.17 1.03 -6.69
N LEU A 30 7.09 1.50 -5.87
CA LEU A 30 6.91 2.80 -5.22
C LEU A 30 7.56 3.87 -6.10
N SER A 31 6.74 4.86 -6.47
CA SER A 31 7.19 5.94 -7.32
CA SER A 31 7.20 5.94 -7.32
C SER A 31 6.23 7.10 -7.16
N GLY A 32 6.76 8.30 -7.12
CA GLY A 32 5.97 9.47 -6.70
C GLY A 32 5.40 9.21 -5.30
N ASN A 33 4.11 9.35 -5.15
CA ASN A 33 3.55 9.13 -3.81
C ASN A 33 2.65 7.89 -3.74
N CYS A 34 2.92 6.90 -4.59
CA CYS A 34 2.06 5.74 -4.78
C CYS A 34 2.86 4.43 -4.84
N ILE A 35 2.26 3.36 -4.33
CA ILE A 35 2.61 1.99 -4.68
C ILE A 35 1.66 1.52 -5.74
N SER A 36 2.20 1.24 -6.91
CA SER A 36 1.46 0.68 -8.02
C SER A 36 1.81 -0.81 -8.13
N TYR A 37 0.86 -1.65 -8.48
CA TYR A 37 1.17 -3.06 -8.54
C TYR A 37 0.56 -3.75 -9.74
N TRP A 38 1.31 -4.73 -10.18
CA TRP A 38 0.98 -5.56 -11.33
C TRP A 38 1.26 -6.99 -10.86
N THR A 39 0.96 -7.95 -11.72
CA THR A 39 1.15 -9.36 -11.41
C THR A 39 2.59 -9.80 -11.54
N TYR A 40 3.27 -9.29 -12.56
CA TYR A 40 4.71 -9.56 -12.76
C TYR A 40 5.46 -8.37 -13.38
N PRO A 41 6.78 -8.32 -13.21
CA PRO A 41 7.63 -7.22 -13.69
C PRO A 41 7.40 -6.74 -15.12
N ASP A 42 7.43 -7.67 -16.07
CA ASP A 42 7.21 -7.34 -17.45
C ASP A 42 6.00 -6.42 -17.66
N ASP A 43 4.94 -6.61 -16.85
CA ASP A 43 3.65 -5.96 -17.11
C ASP A 43 3.69 -4.50 -16.74
N GLU A 44 4.63 -4.14 -15.88
CA GLU A 44 4.89 -2.75 -15.55
C GLU A 44 5.14 -1.90 -16.81
N LYS A 45 5.82 -2.49 -17.80
CA LYS A 45 6.14 -1.81 -19.04
C LYS A 45 5.07 -1.92 -20.15
N ARG A 46 4.01 -2.69 -19.90
CA ARG A 46 3.02 -2.97 -20.93
C ARG A 46 1.57 -2.53 -20.58
N LYS A 47 1.26 -2.25 -19.32
CA LYS A 47 -0.13 -1.89 -19.02
C LYS A 47 -0.29 -1.09 -17.73
N ASN A 48 -1.51 -0.62 -17.52
CA ASN A 48 -1.86 0.07 -16.31
C ASN A 48 -1.85 -0.93 -15.16
N PRO A 49 -1.42 -0.46 -13.97
CA PRO A 49 -1.35 -1.33 -12.78
C PRO A 49 -2.71 -1.84 -12.37
N ILE A 50 -2.73 -2.91 -11.56
CA ILE A 50 -4.00 -3.46 -11.08
C ILE A 50 -4.58 -2.48 -10.06
N GLY A 51 -3.73 -1.86 -9.27
CA GLY A 51 -4.18 -0.82 -8.38
C GLY A 51 -3.04 0.04 -7.96
N ARG A 52 -3.39 1.03 -7.15
CA ARG A 52 -2.44 1.99 -6.59
C ARG A 52 -2.89 2.38 -5.21
N ILE A 53 -1.90 2.50 -4.34
CA ILE A 53 -2.09 2.90 -2.99
C ILE A 53 -1.44 4.26 -2.88
N ASN A 54 -2.21 5.25 -2.44
CA ASN A 54 -1.73 6.64 -2.34
C ASN A 54 -1.26 6.98 -0.95
N LEU A 55 0.06 7.16 -0.80
CA LEU A 55 0.64 7.44 0.49
C LEU A 55 0.28 8.82 0.97
N ALA A 56 -0.18 9.71 0.08
CA ALA A 56 -0.58 11.07 0.45
C ALA A 56 -1.83 11.04 1.31
N ASN A 57 -2.58 9.93 1.26
CA ASN A 57 -3.77 9.70 2.09
C ASN A 57 -3.51 8.85 3.34
N CYS A 58 -2.24 8.68 3.70
CA CYS A 58 -1.91 7.81 4.84
C CYS A 58 -2.38 8.43 6.15
N THR A 59 -2.91 7.61 7.03
CA THR A 59 -3.43 8.10 8.32
C THR A 59 -2.35 8.33 9.34
N SER A 60 -1.22 7.65 9.18
CA SER A 60 -0.24 7.56 10.29
C SER A 60 1.00 8.29 9.98
N ARG A 61 1.77 8.58 11.04
CA ARG A 61 3.07 9.25 10.99
C ARG A 61 4.08 8.40 10.27
N GLN A 62 3.97 7.08 10.44
CA GLN A 62 4.91 6.15 9.84
C GLN A 62 4.27 4.82 9.62
N ILE A 63 4.92 3.99 8.80
CA ILE A 63 4.38 2.70 8.42
C ILE A 63 4.93 1.70 9.38
N GLU A 64 4.09 0.83 9.89
CA GLU A 64 4.56 -0.11 10.91
C GLU A 64 4.16 -1.53 10.56
N PRO A 65 4.76 -2.52 11.24
CA PRO A 65 4.28 -3.90 10.93
C PRO A 65 2.76 -4.07 11.11
N ALA A 66 2.14 -4.99 10.38
CA ALA A 66 0.70 -5.19 10.54
C ALA A 66 0.32 -5.48 12.02
N ASN A 67 -0.80 -4.89 12.45
CA ASN A 67 -1.46 -5.11 13.75
C ASN A 67 -1.83 -6.59 13.93
N ARG A 68 -1.23 -7.23 14.91
CA ARG A 68 -1.36 -8.68 15.10
C ARG A 68 -2.72 -9.09 15.66
N GLU A 69 -3.54 -8.13 16.08
CA GLU A 69 -4.93 -8.41 16.45
C GLU A 69 -5.68 -8.92 15.21
N PHE A 70 -5.29 -8.42 14.05
CA PHE A 70 -5.98 -8.76 12.81
C PHE A 70 -5.18 -9.57 11.78
N CYS A 71 -3.86 -9.35 11.67
CA CYS A 71 -3.05 -10.02 10.66
C CYS A 71 -2.03 -10.95 11.27
N ALA A 72 -2.09 -12.21 10.86
CA ALA A 72 -1.21 -13.28 11.34
C ALA A 72 -0.06 -13.52 10.34
N ARG A 73 -0.14 -12.91 9.16
CA ARG A 73 0.88 -13.22 8.12
C ARG A 73 2.20 -12.57 8.42
N ARG A 74 3.28 -13.36 8.32
CA ARG A 74 4.60 -12.86 8.65
C ARG A 74 5.10 -11.81 7.65
N ASN A 75 6.02 -10.99 8.12
CA ASN A 75 6.71 -10.02 7.26
C ASN A 75 5.78 -9.01 6.65
N THR A 76 4.66 -8.73 7.31
CA THR A 76 3.62 -7.87 6.72
C THR A 76 3.68 -6.44 7.31
N PHE A 77 3.70 -5.41 6.45
CA PHE A 77 3.45 -4.02 6.89
C PHE A 77 2.06 -3.56 6.59
N GLU A 78 1.61 -2.50 7.28
CA GLU A 78 0.21 -2.06 7.20
C GLU A 78 0.13 -0.56 6.83
N LEU A 79 -0.66 -0.25 5.80
CA LEU A 79 -0.80 1.16 5.36
C LEU A 79 -2.29 1.42 5.30
N ILE A 80 -2.78 2.33 6.14
CA ILE A 80 -4.18 2.73 6.17
C ILE A 80 -4.31 4.08 5.49
N THR A 81 -5.26 4.18 4.56
CA THR A 81 -5.49 5.44 3.89
C THR A 81 -6.92 5.87 4.09
N VAL A 82 -7.12 7.17 4.04
CA VAL A 82 -8.43 7.72 4.25
C VAL A 82 -8.67 8.86 3.26
N ARG A 83 -9.87 8.94 2.74
CA ARG A 83 -10.25 10.15 1.99
C ARG A 83 -11.75 10.20 1.93
N PRO A 84 -12.37 11.36 1.53
CA PRO A 84 -13.81 11.49 1.31
C PRO A 84 -14.34 10.50 0.28
N GLN A 85 -15.51 9.93 0.55
CA GLN A 85 -16.02 8.79 -0.18
C GLN A 85 -16.45 9.24 -1.58
N ARG A 86 -16.36 8.36 -2.56
CA ARG A 86 -16.83 8.63 -3.95
C ARG A 86 -17.88 7.64 -4.43
N GLU A 87 -18.32 7.79 -5.68
CA GLU A 87 -19.30 6.89 -6.26
C GLU A 87 -18.75 5.50 -6.43
N ASP A 88 -17.45 5.42 -6.69
CA ASP A 88 -16.79 4.16 -6.91
C ASP A 88 -16.49 3.42 -5.61
N ASP A 89 -16.45 4.12 -4.47
CA ASP A 89 -16.19 3.43 -3.20
C ASP A 89 -17.31 2.44 -2.86
N ARG A 90 -16.91 1.24 -2.42
CA ARG A 90 -17.81 0.16 -2.04
C ARG A 90 -17.22 -0.50 -0.80
N GLU A 91 -18.09 -0.97 0.09
CA GLU A 91 -17.67 -1.71 1.30
C GLU A 91 -17.02 -3.02 0.87
N THR A 92 -15.85 -3.32 1.43
CA THR A 92 -15.15 -4.59 1.11
C THR A 92 -14.40 -5.05 2.35
N LEU A 93 -13.64 -6.15 2.24
CA LEU A 93 -12.88 -6.69 3.38
C LEU A 93 -11.71 -5.76 3.73
N VAL A 94 -11.27 -4.92 2.80
CA VAL A 94 -10.15 -4.02 3.14
C VAL A 94 -10.56 -2.53 3.28
N SER A 95 -11.77 -2.19 2.91
CA SER A 95 -12.27 -0.80 2.88
C SER A 95 -13.56 -0.61 3.59
N GLN A 96 -13.57 0.28 4.58
CA GLN A 96 -14.79 0.64 5.26
C GLN A 96 -15.16 2.09 4.92
N CYS A 97 -16.41 2.30 4.50
CA CYS A 97 -17.04 3.63 4.46
C CYS A 97 -17.98 3.92 5.63
N ARG A 98 -17.72 5.01 6.34
CA ARG A 98 -18.65 5.48 7.37
C ARG A 98 -18.64 7.02 7.44
N ASP A 99 -19.78 7.67 7.65
CA ASP A 99 -19.84 9.13 7.75
C ASP A 99 -19.23 9.87 6.51
N THR A 100 -19.32 9.25 5.33
CA THR A 100 -18.81 9.77 4.05
C THR A 100 -17.29 9.83 3.99
N LEU A 101 -16.66 8.94 4.74
CA LEU A 101 -15.22 8.84 4.73
C LEU A 101 -14.91 7.34 4.46
N CYS A 102 -13.98 7.08 3.54
CA CYS A 102 -13.56 5.73 3.13
CA CYS A 102 -13.61 5.70 3.31
C CYS A 102 -12.16 5.48 3.69
N VAL A 103 -12.01 4.43 4.49
CA VAL A 103 -10.71 4.06 5.08
C VAL A 103 -10.40 2.71 4.47
N THR A 104 -9.22 2.57 3.88
CA THR A 104 -8.78 1.31 3.27
C THR A 104 -7.57 0.83 4.03
N LYS A 105 -7.55 -0.45 4.43
CA LYS A 105 -6.38 -0.96 5.23
C LYS A 105 -5.58 -1.81 4.26
N ASN A 106 -4.34 -1.41 3.99
CA ASN A 106 -3.51 -2.14 3.03
C ASN A 106 -2.49 -3.01 3.75
N TRP A 107 -2.52 -4.33 3.47
CA TRP A 107 -1.53 -5.26 4.04
C TRP A 107 -0.70 -5.82 2.90
N LEU A 108 0.60 -5.65 3.01
CA LEU A 108 1.54 -6.12 1.99
C LEU A 108 2.64 -6.88 2.74
N SER A 109 2.83 -8.15 2.36
CA SER A 109 3.77 -9.09 2.97
C SER A 109 4.99 -9.33 2.07
N ALA A 110 6.18 -9.12 2.61
CA ALA A 110 7.49 -9.37 1.95
C ALA A 110 7.91 -10.84 2.09
N ASP A 111 8.75 -11.31 1.15
CA ASP A 111 9.28 -12.70 1.21
C ASP A 111 10.23 -12.87 2.41
N THR A 112 10.83 -11.76 2.85
CA THR A 112 11.75 -11.76 4.01
C THR A 112 11.50 -10.53 4.95
N LYS A 113 11.96 -10.61 6.19
CA LYS A 113 11.86 -9.47 7.11
C LYS A 113 12.68 -8.30 6.62
N GLU A 114 13.78 -8.59 5.96
CA GLU A 114 14.67 -7.58 5.47
C GLU A 114 14.02 -6.73 4.37
N GLU A 115 13.24 -7.36 3.47
CA GLU A 115 12.47 -6.62 2.48
C GLU A 115 11.30 -5.85 3.11
N ARG A 116 10.61 -6.43 4.10
CA ARG A 116 9.60 -5.68 4.85
C ARG A 116 10.22 -4.38 5.41
N ASP A 117 11.39 -4.52 6.02
CA ASP A 117 11.98 -3.40 6.70
C ASP A 117 12.43 -2.32 5.72
N LEU A 118 13.04 -2.76 4.60
CA LEU A 118 13.35 -1.87 3.47
C LEU A 118 12.16 -1.08 2.99
N TRP A 119 11.07 -1.78 2.71
CA TRP A 119 9.88 -1.10 2.24
C TRP A 119 9.36 -0.04 3.26
N MET A 120 9.24 -0.42 4.52
CA MET A 120 8.80 0.48 5.57
C MET A 120 9.69 1.72 5.63
N GLN A 121 11.00 1.52 5.53
CA GLN A 121 11.93 2.64 5.49
CA GLN A 121 11.95 2.62 5.48
C GLN A 121 11.67 3.57 4.31
N LYS A 122 11.56 3.02 3.11
CA LYS A 122 11.39 3.89 1.93
C LYS A 122 10.07 4.63 2.06
N LEU A 123 9.03 3.92 2.47
CA LEU A 123 7.71 4.50 2.61
C LEU A 123 7.61 5.60 3.66
N ASN A 124 8.31 5.46 4.80
CA ASN A 124 8.46 6.51 5.78
C ASN A 124 9.17 7.74 5.22
N GLN A 125 10.17 7.51 4.38
CA GLN A 125 10.85 8.64 3.75
C GLN A 125 9.90 9.33 2.74
N VAL A 126 9.05 8.58 2.06
CA VAL A 126 8.11 9.24 1.20
C VAL A 126 7.15 10.11 2.05
N LEU A 127 6.83 9.66 3.26
CA LEU A 127 5.86 10.37 4.09
C LEU A 127 6.42 11.69 4.53
N VAL A 128 7.67 11.66 4.96
CA VAL A 128 8.37 12.85 5.32
C VAL A 128 8.44 13.84 4.14
N ASP A 129 8.68 13.33 2.93
CA ASP A 129 8.82 14.16 1.72
C ASP A 129 7.50 14.85 1.34
N ILE A 130 6.42 14.09 1.48
CA ILE A 130 5.08 14.59 1.30
C ILE A 130 4.78 15.74 2.27
N ARG A 131 5.28 15.65 3.50
CA ARG A 131 5.01 16.65 4.54
C ARG A 131 5.94 17.87 4.52
N LEU A 132 7.10 17.71 3.89
CA LEU A 132 8.10 18.76 3.83
C LEU A 132 8.17 19.23 2.38
N TRP A 133 7.43 20.30 2.05
CA TRP A 133 7.47 20.85 0.68
C TRP A 133 6.67 22.16 0.52
N GLN A 134 6.46 22.55 -0.74
CA GLN A 134 5.37 23.45 -1.15
C GLN A 134 4.42 22.65 -2.06
C1 EDO B . 0.36 1.84 10.04
O1 EDO B . 1.13 0.63 9.96
C2 EDO B . -0.58 1.83 11.23
O2 EDO B . -1.61 0.84 11.10
C1 EDO C . -0.47 11.66 4.97
O1 EDO C . 0.13 11.19 6.18
C2 EDO C . 0.32 12.74 4.28
O2 EDO C . 1.28 13.41 5.16
C1 EDO D . -10.59 0.05 8.18
O1 EDO D . -9.54 0.06 9.17
C2 EDO D . -10.37 -1.11 7.19
O2 EDO D . -11.61 -1.74 6.87
C1 EDO E . 14.31 0.85 -7.11
O1 EDO E . 14.76 2.18 -7.46
C2 EDO E . 14.59 -0.12 -8.26
O2 EDO E . 14.02 0.40 -9.49
C1 EDO F . -4.87 -2.13 -18.94
O1 EDO F . -3.68 -1.38 -19.16
C2 EDO F . -6.09 -1.31 -19.32
O2 EDO F . -6.23 -0.29 -18.32
#